data_8ZLA
#
_entry.id   8ZLA
#
_cell.length_a   85.040
_cell.length_b   85.040
_cell.length_c   153.016
_cell.angle_alpha   90.00
_cell.angle_beta   90.00
_cell.angle_gamma   90.00
#
_symmetry.space_group_name_H-M   'P 41 2 2'
#
loop_
_entity.id
_entity.type
_entity.pdbx_description
1 polymer 'GTP-binding protein'
2 non-polymer "GUANOSINE-5'-DIPHOSPHATE"
3 non-polymer 'MAGNESIUM ION'
4 water water
#
_entity_poly.entity_id   1
_entity_poly.type   'polypeptide(L)'
_entity_poly.pdbx_seq_one_letter_code
;GPKLNPQKNPQKIALFGLNYAGKTSILKTILYEFEAFAHILPTTGVDRTELDFFGKSLLIWDFGGQSVYRDDYLKQPIRY
FQRIKYFYYVVDVQDIDRIKESAEYFLKLIKLTTEYSDDFKIFIFFHKIDPNYRGKTKFEESENRFLVEILPTINELKFT
PTYFYTSIYNPISVISAFSQPLLGNETIYQTLSDALDSFCFNIDLEFGLLFVQNFIIGSHFSEPEIISKISKKMTMYLED
LDEFEDCPPFTVDPYKIFTKNFVISVGDNNFYFHFSVGINILNIPDDMDEIFDAMDEYTYNLRKILENSELIRTGELRNE
EILSGINELETRYIITEEEELEGLEQEDKIKNIQRNLELEIMENKVMEEDDQENIEEVEENDFKD
;
_entity_poly.pdbx_strand_id   A
#
# COMPACT_ATOMS: atom_id res chain seq x y z
N GLY A 1 -13.93 2.83 3.96
CA GLY A 1 -13.02 3.69 3.23
C GLY A 1 -13.46 4.13 1.84
N PRO A 2 -12.57 4.84 1.13
CA PRO A 2 -12.97 5.48 -0.14
C PRO A 2 -12.94 4.55 -1.35
N LYS A 3 -13.86 4.80 -2.30
CA LYS A 3 -13.77 4.07 -3.57
C LYS A 3 -12.62 4.63 -4.43
N LEU A 4 -12.15 3.81 -5.36
CA LEU A 4 -11.26 4.29 -6.39
C LEU A 4 -12.07 4.92 -7.53
N ASN A 5 -11.47 5.91 -8.20
CA ASN A 5 -12.09 6.46 -9.40
C ASN A 5 -12.22 5.36 -10.44
N PRO A 6 -13.43 4.95 -10.88
CA PRO A 6 -13.59 3.83 -11.82
C PRO A 6 -13.14 4.16 -13.23
N GLN A 7 -13.04 5.44 -13.56
CA GLN A 7 -12.47 5.77 -14.86
C GLN A 7 -10.96 5.65 -14.89
N LYS A 8 -10.32 5.44 -13.75
CA LYS A 8 -8.86 5.32 -13.68
C LYS A 8 -8.48 3.86 -13.58
N ASN A 9 -7.19 3.59 -13.83
CA ASN A 9 -6.68 2.22 -13.86
C ASN A 9 -5.67 2.06 -12.74
N PRO A 10 -6.11 1.72 -11.53
CA PRO A 10 -5.18 1.63 -10.40
C PRO A 10 -4.19 0.50 -10.61
N GLN A 11 -3.07 0.63 -9.93
CA GLN A 11 -2.17 -0.49 -9.78
C GLN A 11 -2.79 -1.56 -8.87
N LYS A 12 -2.38 -2.80 -9.10
CA LYS A 12 -2.89 -3.94 -8.35
C LYS A 12 -1.83 -4.53 -7.44
N ILE A 13 -2.29 -4.97 -6.28
CA ILE A 13 -1.54 -5.88 -5.41
C ILE A 13 -2.18 -7.24 -5.59
N ALA A 14 -1.41 -8.23 -6.07
CA ALA A 14 -1.88 -9.60 -6.16
C ALA A 14 -1.48 -10.29 -4.86
N LEU A 15 -2.44 -10.90 -4.17
CA LEU A 15 -2.19 -11.65 -2.94
C LEU A 15 -2.55 -13.10 -3.31
N PHE A 16 -1.53 -13.86 -3.71
CA PHE A 16 -1.70 -15.20 -4.26
C PHE A 16 -1.10 -16.25 -3.33
N GLY A 17 -1.52 -17.50 -3.54
CA GLY A 17 -0.93 -18.62 -2.81
C GLY A 17 -1.86 -19.79 -2.87
N LEU A 18 -1.37 -20.94 -2.38
CA LEU A 18 -2.24 -22.10 -2.33
C LEU A 18 -3.43 -21.84 -1.41
N ASN A 19 -4.52 -22.58 -1.64
CA ASN A 19 -5.56 -22.59 -0.63
C ASN A 19 -4.96 -23.05 0.70
N TYR A 20 -5.42 -22.44 1.79
CA TYR A 20 -5.09 -22.74 3.19
C TYR A 20 -3.77 -22.07 3.55
N ALA A 21 -3.16 -21.32 2.63
CA ALA A 21 -1.87 -20.73 2.95
C ALA A 21 -1.99 -19.63 3.99
N GLY A 22 -3.16 -18.95 4.05
CA GLY A 22 -3.39 -17.94 5.08
C GLY A 22 -3.78 -16.58 4.54
N LYS A 23 -4.16 -16.49 3.26
CA LYS A 23 -4.27 -15.18 2.65
C LYS A 23 -5.51 -14.44 3.13
N THR A 24 -6.63 -15.13 3.28
CA THR A 24 -7.80 -14.40 3.78
C THR A 24 -7.53 -13.90 5.20
N SER A 25 -6.82 -14.70 6.00
CA SER A 25 -6.48 -14.26 7.36
C SER A 25 -5.56 -13.05 7.34
N ILE A 26 -4.60 -13.03 6.44
CA ILE A 26 -3.73 -11.86 6.28
C ILE A 26 -4.55 -10.63 5.85
N LEU A 27 -5.43 -10.82 4.88
CA LEU A 27 -6.28 -9.71 4.40
C LEU A 27 -7.13 -9.14 5.55
N LYS A 28 -7.75 -10.02 6.29
CA LYS A 28 -8.61 -9.57 7.39
C LYS A 28 -7.82 -8.83 8.44
N THR A 29 -6.55 -9.26 8.75
CA THR A 29 -5.71 -8.48 9.65
C THR A 29 -5.57 -7.03 9.16
N ILE A 30 -5.26 -6.86 7.87
CA ILE A 30 -5.12 -5.52 7.31
C ILE A 30 -6.46 -4.78 7.41
N LEU A 31 -7.55 -5.45 7.07
CA LEU A 31 -8.85 -4.78 7.08
C LEU A 31 -9.27 -4.39 8.50
N TYR A 32 -8.89 -5.19 9.52
CA TYR A 32 -9.27 -4.80 10.88
C TYR A 32 -8.43 -3.65 11.36
N GLU A 33 -7.22 -3.55 10.88
CA GLU A 33 -6.35 -2.47 11.31
C GLU A 33 -6.63 -1.19 10.54
N PHE A 34 -6.93 -1.30 9.25
CA PHE A 34 -7.00 -0.13 8.35
C PHE A 34 -8.32 -0.09 7.59
N GLU A 35 -9.44 -0.35 8.26
CA GLU A 35 -10.73 -0.29 7.56
C GLU A 35 -10.94 1.05 6.87
N ALA A 36 -10.42 2.13 7.46
CA ALA A 36 -10.62 3.46 6.86
C ALA A 36 -10.05 3.59 5.44
N PHE A 37 -9.12 2.73 5.06
CA PHE A 37 -8.52 2.72 3.75
C PHE A 37 -9.19 1.75 2.77
N ALA A 38 -10.19 0.99 3.21
CA ALA A 38 -10.71 -0.12 2.40
C ALA A 38 -12.12 0.19 1.93
N HIS A 39 -12.44 -0.20 0.70
CA HIS A 39 -13.81 -0.01 0.24
C HIS A 39 -14.46 -1.38 0.35
N ILE A 40 -15.25 -1.56 1.40
CA ILE A 40 -15.76 -2.87 1.79
C ILE A 40 -17.24 -2.92 1.45
N LEU A 41 -17.60 -3.75 0.47
CA LEU A 41 -18.99 -3.88 0.03
C LEU A 41 -19.81 -4.74 1.01
N ASP A 47 -16.38 -14.97 0.56
CA ASP A 47 -15.05 -14.33 0.62
C ASP A 47 -14.76 -13.51 -0.61
N ARG A 48 -14.43 -12.29 -0.38
CA ARG A 48 -14.13 -11.37 -1.46
C ARG A 48 -12.82 -11.76 -2.14
N THR A 49 -12.81 -11.66 -3.50
CA THR A 49 -11.57 -11.87 -4.23
C THR A 49 -10.97 -10.55 -4.71
N GLU A 50 -11.73 -9.45 -4.70
CA GLU A 50 -11.26 -8.16 -5.20
C GLU A 50 -11.69 -7.08 -4.23
N LEU A 51 -10.85 -6.18 -3.87
CA LEU A 51 -11.30 -5.00 -3.16
C LEU A 51 -10.29 -3.88 -3.36
N ASP A 52 -10.77 -2.64 -3.16
CA ASP A 52 -9.91 -1.46 -3.25
C ASP A 52 -9.35 -1.15 -1.86
N PHE A 53 -8.07 -0.80 -1.81
CA PHE A 53 -7.43 -0.48 -0.54
C PHE A 53 -6.35 0.57 -0.74
N PHE A 54 -6.47 1.75 -0.08
CA PHE A 54 -5.36 2.72 -0.04
C PHE A 54 -4.80 3.04 -1.44
N GLY A 55 -5.71 3.29 -2.36
CA GLY A 55 -5.40 3.69 -3.73
C GLY A 55 -4.99 2.55 -4.64
N LYS A 56 -5.04 1.33 -4.17
CA LYS A 56 -4.68 0.13 -4.95
C LYS A 56 -5.90 -0.78 -5.09
N SER A 57 -5.85 -1.64 -6.09
CA SER A 57 -6.82 -2.72 -6.21
CA SER A 57 -6.82 -2.73 -6.23
C SER A 57 -6.15 -4.00 -5.72
N LEU A 58 -6.83 -4.73 -4.84
CA LEU A 58 -6.28 -5.99 -4.30
C LEU A 58 -6.97 -7.16 -5.01
N LEU A 59 -6.20 -8.19 -5.36
CA LEU A 59 -6.76 -9.40 -5.97
C LEU A 59 -6.32 -10.57 -5.08
N ILE A 60 -7.27 -11.26 -4.45
CA ILE A 60 -6.93 -12.32 -3.48
C ILE A 60 -7.44 -13.63 -4.09
N TRP A 61 -6.52 -14.49 -4.57
CA TRP A 61 -6.86 -15.69 -5.34
C TRP A 61 -6.17 -16.92 -4.78
N ASP A 62 -6.91 -18.02 -4.67
CA ASP A 62 -6.41 -19.34 -4.28
C ASP A 62 -6.02 -20.16 -5.49
N PHE A 63 -5.05 -21.05 -5.27
CA PHE A 63 -4.58 -21.96 -6.30
C PHE A 63 -4.35 -23.34 -5.71
N GLY A 64 -4.46 -24.37 -6.55
CA GLY A 64 -4.09 -25.74 -6.18
C GLY A 64 -5.14 -26.44 -5.33
N GLY A 65 -4.68 -27.45 -4.62
CA GLY A 65 -5.57 -28.28 -3.84
C GLY A 65 -6.13 -29.40 -4.67
N GLN A 66 -7.12 -30.10 -4.12
CA GLN A 66 -7.61 -31.34 -4.70
C GLN A 66 -9.00 -31.22 -5.31
N SER A 67 -9.45 -29.99 -5.53
CA SER A 67 -10.72 -29.84 -6.22
C SER A 67 -10.53 -29.64 -7.72
N VAL A 68 -11.58 -29.97 -8.48
CA VAL A 68 -11.57 -29.71 -9.91
C VAL A 68 -11.46 -28.20 -10.17
N ARG A 70 -9.07 -26.12 -9.33
CA ARG A 70 -7.77 -25.84 -8.73
C ARG A 70 -6.94 -24.93 -9.62
N ASP A 71 -7.18 -25.08 -10.93
CA ASP A 71 -6.55 -24.32 -12.01
C ASP A 71 -7.55 -23.45 -12.75
N ASP A 72 -8.45 -22.77 -12.02
CA ASP A 72 -9.46 -21.95 -12.67
C ASP A 72 -8.95 -20.57 -13.08
N TYR A 73 -7.69 -20.27 -12.81
CA TYR A 73 -7.08 -19.02 -13.23
C TYR A 73 -6.79 -19.00 -14.73
N LEU A 74 -6.45 -20.14 -15.28
CA LEU A 74 -6.17 -20.22 -16.70
C LEU A 74 -7.44 -19.89 -17.50
N GLN A 76 -9.19 -17.50 -16.69
CA GLN A 76 -9.65 -16.17 -16.31
C GLN A 76 -9.23 -15.13 -17.34
N PRO A 77 -9.95 -14.07 -17.45
CA PRO A 77 -9.63 -13.03 -18.43
C PRO A 77 -8.29 -12.37 -18.16
N ILE A 78 -7.74 -11.88 -19.28
CA ILE A 78 -6.38 -11.35 -19.25
C ILE A 78 -6.29 -10.11 -18.36
N ARG A 79 -7.35 -9.33 -18.25
CA ARG A 79 -7.35 -8.10 -17.46
C ARG A 79 -6.92 -8.37 -16.02
N TYR A 80 -7.15 -9.58 -15.51
CA TYR A 80 -6.79 -9.84 -14.12
C TYR A 80 -5.29 -9.87 -13.90
N PHE A 81 -4.49 -10.15 -14.93
CA PHE A 81 -3.05 -10.17 -14.79
C PHE A 81 -2.39 -8.89 -15.25
N GLN A 82 -3.18 -7.91 -15.68
CA GLN A 82 -2.65 -6.60 -16.06
C GLN A 82 -2.57 -5.70 -14.84
N ARG A 83 -1.69 -4.70 -14.92
CA ARG A 83 -1.56 -3.65 -13.90
C ARG A 83 -1.05 -4.17 -12.56
N ILE A 84 -0.50 -5.39 -12.50
CA ILE A 84 0.07 -5.87 -11.24
C ILE A 84 1.39 -5.17 -10.99
N LYS A 85 1.49 -4.49 -9.84
CA LYS A 85 2.73 -3.84 -9.43
C LYS A 85 3.39 -4.54 -8.27
N TYR A 86 2.59 -5.23 -7.46
CA TYR A 86 3.09 -5.90 -6.27
C TYR A 86 2.56 -7.32 -6.32
N PHE A 87 3.45 -8.27 -6.31
CA PHE A 87 3.10 -9.70 -6.32
C PHE A 87 3.43 -10.26 -4.94
N TYR A 88 2.38 -10.42 -4.12
CA TYR A 88 2.52 -10.93 -2.74
C TYR A 88 2.16 -12.41 -2.76
N TYR A 89 3.09 -13.28 -2.37
CA TYR A 89 2.83 -14.72 -2.50
C TYR A 89 2.95 -15.33 -1.11
N VAL A 90 1.89 -15.99 -0.63
CA VAL A 90 1.81 -16.50 0.73
C VAL A 90 2.15 -17.98 0.71
N VAL A 91 3.10 -18.39 1.55
CA VAL A 91 3.58 -19.79 1.58
C VAL A 91 3.39 -20.27 3.00
N ASP A 92 2.60 -21.33 3.22
CA ASP A 92 2.46 -21.89 4.58
C ASP A 92 3.69 -22.73 4.91
N VAL A 93 4.63 -22.20 5.72
CA VAL A 93 5.85 -23.00 5.96
C VAL A 93 5.66 -24.09 7.01
N GLN A 94 4.47 -24.21 7.64
CA GLN A 94 4.24 -25.42 8.41
C GLN A 94 3.93 -26.63 7.55
N ASP A 95 3.41 -26.39 6.36
CA ASP A 95 2.89 -27.45 5.52
C ASP A 95 3.95 -27.82 4.48
N ILE A 96 4.99 -28.49 4.94
CA ILE A 96 6.13 -28.77 4.07
C ILE A 96 5.74 -29.69 2.91
N ASP A 97 4.78 -30.59 3.11
CA ASP A 97 4.42 -31.48 2.02
C ASP A 97 3.84 -30.76 0.82
N ARG A 98 3.27 -29.56 1.00
CA ARG A 98 2.71 -28.81 -0.11
C ARG A 98 3.67 -27.79 -0.68
N ILE A 99 4.92 -27.75 -0.21
CA ILE A 99 5.81 -26.66 -0.64
C ILE A 99 6.07 -26.75 -2.15
N LYS A 100 6.29 -27.96 -2.67
CA LYS A 100 6.59 -28.12 -4.09
C LYS A 100 5.40 -27.66 -4.92
N GLU A 101 4.20 -28.02 -4.50
CA GLU A 101 2.99 -27.54 -5.14
C GLU A 101 2.92 -26.02 -5.11
N SER A 102 3.25 -25.41 -3.96
CA SER A 102 3.25 -23.96 -3.85
C SER A 102 4.23 -23.34 -4.83
N ALA A 103 5.43 -23.89 -4.94
CA ALA A 103 6.42 -23.34 -5.85
C ALA A 103 5.98 -23.48 -7.31
N GLU A 104 5.31 -24.58 -7.63
CA GLU A 104 4.88 -24.80 -9.01
C GLU A 104 3.88 -23.74 -9.44
N TYR A 105 2.89 -23.44 -8.60
CA TYR A 105 1.95 -22.37 -8.91
C TYR A 105 2.62 -21.01 -8.90
N PHE A 106 3.56 -20.80 -7.99
CA PHE A 106 4.30 -19.55 -7.97
C PHE A 106 4.94 -19.29 -9.34
N LEU A 107 5.64 -20.28 -9.87
CA LEU A 107 6.31 -20.09 -11.16
C LEU A 107 5.32 -19.88 -12.29
N LYS A 108 4.21 -20.64 -12.30
CA LYS A 108 3.18 -20.44 -13.33
C LYS A 108 2.62 -19.03 -13.29
N LEU A 109 2.39 -18.50 -12.09
CA LEU A 109 1.76 -17.20 -11.96
C LEU A 109 2.74 -16.08 -12.25
N ILE A 110 4.02 -16.26 -11.92
CA ILE A 110 5.03 -15.28 -12.28
C ILE A 110 5.16 -15.17 -13.80
N LYS A 111 5.16 -16.31 -14.49
CA LYS A 111 5.23 -16.28 -15.95
C LYS A 111 4.01 -15.60 -16.56
N LEU A 112 2.81 -15.93 -16.09
CA LEU A 112 1.61 -15.25 -16.56
C LEU A 112 1.67 -13.75 -16.28
N THR A 113 2.05 -13.37 -15.06
CA THR A 113 2.10 -11.96 -14.72
C THR A 113 3.10 -11.21 -15.59
N THR A 114 4.28 -11.81 -15.83
CA THR A 114 5.26 -11.16 -16.70
C THR A 114 4.70 -10.96 -18.12
N GLU A 115 3.80 -11.85 -18.56
CA GLU A 115 3.25 -11.71 -19.91
C GLU A 115 2.41 -10.44 -20.02
N TYR A 116 1.69 -10.09 -18.95
CA TYR A 116 0.68 -9.05 -19.05
C TYR A 116 0.95 -7.80 -18.23
N SER A 117 1.88 -7.85 -17.28
CA SER A 117 2.27 -6.72 -16.44
C SER A 117 3.77 -6.49 -16.61
N ASP A 118 4.15 -5.23 -16.81
CA ASP A 118 5.50 -4.91 -17.26
CA ASP A 118 5.50 -4.92 -17.26
C ASP A 118 6.50 -4.72 -16.13
N ASP A 119 6.07 -4.24 -14.98
CA ASP A 119 7.05 -3.80 -13.99
C ASP A 119 6.48 -4.06 -12.59
N PHE A 120 6.75 -5.23 -12.05
CA PHE A 120 6.23 -5.54 -10.73
C PHE A 120 7.36 -6.12 -9.90
N LYS A 121 7.15 -6.12 -8.59
CA LYS A 121 8.13 -6.72 -7.69
C LYS A 121 7.47 -7.79 -6.84
N ILE A 122 8.31 -8.72 -6.35
CA ILE A 122 7.87 -9.96 -5.73
C ILE A 122 8.17 -9.91 -4.25
N PHE A 123 7.16 -10.25 -3.43
CA PHE A 123 7.31 -10.31 -1.97
C PHE A 123 6.75 -11.64 -1.52
N ILE A 124 7.57 -12.43 -0.84
CA ILE A 124 7.17 -13.78 -0.45
C ILE A 124 6.86 -13.72 1.05
N PHE A 125 5.67 -14.11 1.45
CA PHE A 125 5.28 -14.12 2.86
C PHE A 125 5.46 -15.57 3.32
N PHE A 126 6.56 -15.84 4.03
CA PHE A 126 6.75 -17.17 4.63
C PHE A 126 5.93 -17.14 5.90
N HIS A 127 4.77 -17.81 5.84
CA HIS A 127 3.69 -17.51 6.77
C HIS A 127 3.42 -18.67 7.72
N LYS A 128 2.76 -18.35 8.85
CA LYS A 128 2.46 -19.22 10.00
C LYS A 128 3.71 -19.54 10.80
N ILE A 129 4.66 -18.60 10.82
CA ILE A 129 5.83 -18.71 11.72
C ILE A 129 5.36 -18.10 13.05
N ASP A 130 4.68 -18.92 13.83
CA ASP A 130 3.96 -18.42 14.97
C ASP A 130 4.93 -18.05 16.10
N PRO A 131 4.62 -17.01 16.87
CA PRO A 131 5.62 -16.48 17.82
C PRO A 131 6.01 -17.42 18.97
N ASN A 132 7.32 -17.43 19.25
CA ASN A 132 7.86 -18.16 20.38
C ASN A 132 7.56 -19.63 20.29
N TYR A 133 7.31 -20.18 19.12
CA TYR A 133 6.89 -21.58 19.16
C TYR A 133 7.91 -22.45 18.46
N ARG A 134 7.99 -23.69 18.92
CA ARG A 134 8.89 -24.63 18.25
C ARG A 134 8.45 -24.84 16.80
N GLY A 135 9.38 -25.35 16.02
CA GLY A 135 9.04 -25.66 14.66
C GLY A 135 10.05 -25.03 13.76
N LYS A 136 11.09 -24.42 14.34
CA LYS A 136 11.98 -23.63 13.53
C LYS A 136 12.64 -24.48 12.47
N THR A 137 13.04 -25.74 12.79
CA THR A 137 13.69 -26.55 11.78
C THR A 137 12.77 -26.75 10.59
N LYS A 138 11.51 -27.09 10.85
CA LYS A 138 10.59 -27.33 9.74
C LYS A 138 10.34 -26.04 8.96
N PHE A 139 10.20 -24.93 9.66
CA PHE A 139 9.97 -23.66 8.98
C PHE A 139 11.09 -23.37 8.01
N GLU A 140 12.34 -23.56 8.46
CA GLU A 140 13.51 -23.33 7.61
C GLU A 140 13.56 -24.31 6.47
N GLU A 141 13.27 -25.56 6.75
CA GLU A 141 13.31 -26.55 5.67
C GLU A 141 12.27 -26.20 4.58
N SER A 142 11.07 -25.74 4.99
CA SER A 142 10.04 -25.40 4.00
C SER A 142 10.47 -24.20 3.18
N GLU A 143 10.97 -23.17 3.86
CA GLU A 143 11.46 -21.97 3.17
C GLU A 143 12.56 -22.34 2.18
N ASN A 144 13.53 -23.16 2.63
CA ASN A 144 14.63 -23.47 1.73
C ASN A 144 14.16 -24.32 0.58
N ARG A 145 13.24 -25.28 0.83
CA ARG A 145 12.76 -26.07 -0.29
C ARG A 145 12.04 -25.19 -1.31
N PHE A 146 11.21 -24.28 -0.85
CA PHE A 146 10.54 -23.32 -1.75
C PHE A 146 11.55 -22.55 -2.60
N LEU A 147 12.57 -21.99 -1.95
CA LEU A 147 13.58 -21.24 -2.70
C LEU A 147 14.35 -22.11 -3.68
N VAL A 148 14.66 -23.36 -3.31
CA VAL A 148 15.36 -24.23 -4.25
C VAL A 148 14.54 -24.41 -5.52
N GLU A 149 13.24 -24.52 -5.37
CA GLU A 149 12.36 -24.71 -6.52
C GLU A 149 12.22 -23.45 -7.34
N ILE A 150 12.21 -22.26 -6.71
CA ILE A 150 11.85 -21.06 -7.45
C ILE A 150 13.04 -20.19 -7.87
N LEU A 151 14.15 -20.22 -7.13
CA LEU A 151 15.21 -19.24 -7.42
C LEU A 151 15.86 -19.39 -8.81
N PRO A 152 16.09 -20.58 -9.36
CA PRO A 152 16.72 -20.61 -10.70
C PRO A 152 15.92 -19.83 -11.71
N THR A 153 14.59 -19.93 -11.65
CA THR A 153 13.78 -19.19 -12.60
C THR A 153 13.81 -17.70 -12.31
N ILE A 154 13.63 -17.35 -11.03
CA ILE A 154 13.72 -15.96 -10.58
C ILE A 154 15.00 -15.31 -11.03
N ASN A 155 16.10 -16.03 -10.85
CA ASN A 155 17.41 -15.51 -11.22
C ASN A 155 17.51 -15.29 -12.72
N GLU A 156 16.98 -16.22 -13.51
CA GLU A 156 17.02 -16.10 -14.97
C GLU A 156 16.22 -14.88 -15.43
N LEU A 157 15.10 -14.63 -14.77
CA LEU A 157 14.24 -13.50 -15.11
C LEU A 157 14.69 -12.21 -14.48
N LYS A 158 15.79 -12.25 -13.70
CA LYS A 158 16.38 -11.06 -13.10
C LYS A 158 15.42 -10.36 -12.14
N PHE A 159 14.68 -11.14 -11.36
CA PHE A 159 13.95 -10.60 -10.22
C PHE A 159 14.84 -10.59 -8.99
N THR A 160 14.50 -9.75 -8.05
CA THR A 160 15.10 -9.72 -6.71
C THR A 160 14.00 -9.73 -5.67
N PRO A 161 13.47 -10.92 -5.34
CA PRO A 161 12.36 -10.97 -4.39
C PRO A 161 12.78 -10.55 -2.98
N THR A 162 11.79 -10.10 -2.23
CA THR A 162 11.91 -9.76 -0.82
C THR A 162 11.21 -10.83 0.00
N TYR A 163 11.83 -11.24 1.12
CA TYR A 163 11.22 -12.31 1.95
C TYR A 163 10.73 -11.70 3.25
N PHE A 164 9.49 -11.99 3.60
CA PHE A 164 8.92 -11.64 4.90
C PHE A 164 8.57 -12.90 5.68
N TYR A 165 8.46 -12.76 7.01
CA TYR A 165 8.26 -13.89 7.91
C TYR A 165 7.11 -13.51 8.84
N THR A 166 5.96 -14.18 8.69
CA THR A 166 4.72 -13.62 9.25
C THR A 166 3.90 -14.66 9.99
N SER A 167 3.02 -14.13 10.84
CA SER A 167 2.02 -14.95 11.51
C SER A 167 0.89 -14.03 11.93
N ILE A 168 -0.35 -14.51 11.74
CA ILE A 168 -1.47 -13.69 12.20
C ILE A 168 -1.53 -13.62 13.71
N TYR A 169 -0.84 -14.51 14.41
CA TYR A 169 -0.85 -14.42 15.86
C TYR A 169 0.12 -13.38 16.38
N ASN A 170 0.94 -12.80 15.49
CA ASN A 170 1.81 -11.63 15.74
C ASN A 170 1.47 -10.55 14.70
N PRO A 171 0.35 -9.85 14.84
CA PRO A 171 -0.19 -9.09 13.72
C PRO A 171 0.73 -8.00 13.21
N ILE A 172 1.60 -7.42 14.04
CA ILE A 172 2.55 -6.43 13.48
C ILE A 172 3.38 -7.04 12.35
N SER A 173 3.71 -8.36 12.44
CA SER A 173 4.50 -8.94 11.34
C SER A 173 3.74 -8.84 10.02
N VAL A 174 2.41 -9.06 10.06
CA VAL A 174 1.60 -9.06 8.87
C VAL A 174 1.43 -7.62 8.36
N ILE A 175 1.15 -6.72 9.29
CA ILE A 175 0.96 -5.30 8.92
C ILE A 175 2.25 -4.77 8.30
N SER A 176 3.40 -5.10 8.90
CA SER A 176 4.67 -4.64 8.36
C SER A 176 4.93 -5.25 6.99
N ALA A 177 4.72 -6.55 6.83
CA ALA A 177 4.99 -7.16 5.53
C ALA A 177 4.11 -6.56 4.44
N PHE A 178 2.85 -6.37 4.76
CA PHE A 178 1.94 -5.91 3.72
C PHE A 178 2.21 -4.45 3.35
N SER A 179 2.59 -3.64 4.33
CA SER A 179 2.71 -2.19 4.13
CA SER A 179 2.70 -2.21 4.06
C SER A 179 4.08 -1.75 3.71
N GLN A 180 5.15 -2.41 4.21
CA GLN A 180 6.50 -1.94 3.82
C GLN A 180 6.75 -1.82 2.31
N PRO A 181 6.31 -2.75 1.45
CA PRO A 181 6.59 -2.60 0.02
C PRO A 181 5.99 -1.32 -0.57
N LEU A 182 4.84 -0.90 -0.05
CA LEU A 182 4.13 0.27 -0.60
C LEU A 182 4.78 1.57 -0.20
N LEU A 183 5.66 1.53 0.80
CA LEU A 183 6.10 2.79 1.43
C LEU A 183 7.60 2.89 1.49
N GLY A 184 8.31 2.04 0.73
CA GLY A 184 9.73 2.23 0.52
C GLY A 184 10.01 3.59 -0.14
N ASN A 185 11.26 4.02 -0.11
CA ASN A 185 11.53 5.33 -0.70
C ASN A 185 11.27 5.31 -2.21
N GLU A 186 11.41 4.14 -2.85
CA GLU A 186 11.19 4.08 -4.30
C GLU A 186 9.71 4.10 -4.69
N THR A 187 8.79 3.75 -3.78
CA THR A 187 7.40 3.61 -4.16
C THR A 187 6.51 4.56 -3.37
N ILE A 188 7.03 5.23 -2.35
CA ILE A 188 6.13 5.94 -1.42
C ILE A 188 5.37 7.08 -2.13
N TYR A 189 6.05 7.82 -3.04
CA TYR A 189 5.39 8.97 -3.68
C TYR A 189 4.19 8.51 -4.52
N GLN A 190 4.36 7.43 -5.30
CA GLN A 190 3.25 6.92 -6.11
C GLN A 190 2.15 6.36 -5.22
N THR A 191 2.54 5.61 -4.19
CA THR A 191 1.55 5.07 -3.26
C THR A 191 0.70 6.17 -2.64
N LEU A 192 1.34 7.19 -2.08
CA LEU A 192 0.59 8.25 -1.40
C LEU A 192 -0.22 9.04 -2.41
N SER A 193 0.34 9.24 -3.59
CA SER A 193 -0.37 9.98 -4.63
C SER A 193 -1.65 9.24 -5.04
N ASP A 194 -1.56 7.90 -5.21
CA ASP A 194 -2.75 7.16 -5.62
C ASP A 194 -3.77 7.09 -4.47
N ALA A 195 -3.27 7.00 -3.23
CA ALA A 195 -4.18 7.04 -2.08
C ALA A 195 -4.92 8.38 -2.02
N LEU A 196 -4.20 9.47 -2.21
CA LEU A 196 -4.82 10.82 -2.24
C LEU A 196 -5.81 10.96 -3.38
N ASP A 197 -5.53 10.35 -4.54
CA ASP A 197 -6.48 10.41 -5.63
C ASP A 197 -7.79 9.75 -5.23
N SER A 198 -7.70 8.55 -4.60
CA SER A 198 -8.90 7.87 -4.14
C SER A 198 -9.63 8.71 -3.08
N PHE A 199 -8.91 9.21 -2.10
CA PHE A 199 -9.54 10.02 -1.05
C PHE A 199 -10.29 11.22 -1.66
N CYS A 200 -9.67 11.91 -2.60
CA CYS A 200 -10.29 13.10 -3.20
C CYS A 200 -11.47 12.72 -4.10
N PHE A 201 -11.36 11.59 -4.80
CA PHE A 201 -12.47 11.17 -5.63
C PHE A 201 -13.69 10.85 -4.79
N ASN A 202 -13.46 10.13 -3.70
CA ASN A 202 -14.57 9.60 -2.91
C ASN A 202 -15.42 10.71 -2.30
N ILE A 203 -14.83 11.86 -1.96
CA ILE A 203 -15.66 12.95 -1.45
C ILE A 203 -15.49 14.26 -2.19
N ASP A 204 -15.16 14.19 -3.48
CA ASP A 204 -15.28 15.33 -4.40
CA ASP A 204 -15.26 15.32 -4.41
C ASP A 204 -14.38 16.50 -4.00
N LEU A 205 -13.15 16.20 -3.67
CA LEU A 205 -12.16 17.24 -3.40
C LEU A 205 -11.33 17.53 -4.64
N GLU A 206 -10.78 18.74 -4.69
CA GLU A 206 -10.08 19.16 -5.89
C GLU A 206 -8.63 18.68 -5.95
N PHE A 207 -7.95 18.59 -4.80
CA PHE A 207 -6.58 18.15 -4.79
C PHE A 207 -6.21 17.74 -3.37
N GLY A 208 -5.12 17.03 -3.25
CA GLY A 208 -4.64 16.64 -1.93
C GLY A 208 -3.13 16.45 -1.98
N LEU A 209 -2.47 16.77 -0.88
CA LEU A 209 -1.02 16.72 -0.78
C LEU A 209 -0.65 16.12 0.56
N LEU A 210 0.47 15.43 0.58
CA LEU A 210 1.06 14.97 1.83
C LEU A 210 2.51 15.44 1.90
N PHE A 211 2.92 15.88 3.09
CA PHE A 211 4.23 16.45 3.31
C PHE A 211 4.89 15.80 4.52
N VAL A 212 6.23 15.77 4.51
CA VAL A 212 6.98 15.50 5.74
C VAL A 212 8.15 16.46 5.74
N GLN A 213 8.40 17.10 6.90
CA GLN A 213 9.44 18.15 7.02
C GLN A 213 9.27 19.19 5.90
N ASN A 214 8.04 19.50 5.56
CA ASN A 214 7.67 20.53 4.55
C ASN A 214 8.05 20.10 3.13
N PHE A 215 8.33 18.83 2.92
CA PHE A 215 8.69 18.30 1.61
C PHE A 215 7.54 17.44 1.09
N ILE A 216 7.10 17.64 -0.17
CA ILE A 216 5.93 16.89 -0.67
C ILE A 216 6.32 15.43 -0.97
N ILE A 217 5.61 14.48 -0.36
CA ILE A 217 5.82 13.05 -0.57
C ILE A 217 4.61 12.36 -1.21
N GLY A 218 3.58 13.12 -1.58
CA GLY A 218 2.48 12.54 -2.33
C GLY A 218 1.61 13.70 -2.80
N SER A 219 1.02 13.56 -3.98
CA SER A 219 0.22 14.67 -4.46
C SER A 219 -0.82 14.16 -5.45
N HIS A 220 -2.00 14.79 -5.42
CA HIS A 220 -3.02 14.48 -6.42
C HIS A 220 -3.71 15.79 -6.79
N PHE A 221 -3.80 16.09 -8.08
CA PHE A 221 -4.50 17.28 -8.56
C PHE A 221 -5.44 16.90 -9.68
N SER A 222 -6.74 17.28 -9.49
CA SER A 222 -7.63 17.06 -10.62
C SER A 222 -7.33 18.00 -11.79
N GLU A 223 -6.70 19.15 -11.55
CA GLU A 223 -6.21 20.05 -12.61
C GLU A 223 -4.71 20.23 -12.52
N PRO A 224 -3.93 19.57 -13.35
CA PRO A 224 -2.46 19.66 -13.19
C PRO A 224 -1.87 21.03 -13.44
N GLU A 225 -2.57 21.95 -14.07
CA GLU A 225 -1.97 23.24 -14.32
C GLU A 225 -1.62 23.97 -13.02
N ILE A 226 -2.27 23.65 -11.89
CA ILE A 226 -2.08 24.43 -10.68
C ILE A 226 -1.07 23.81 -9.72
N ILE A 227 -0.43 22.69 -10.08
CA ILE A 227 0.44 21.98 -9.15
C ILE A 227 1.56 22.87 -8.64
N SER A 228 2.22 23.57 -9.55
CA SER A 228 3.36 24.41 -9.12
C SER A 228 2.91 25.54 -8.21
N LYS A 229 1.82 26.22 -8.57
CA LYS A 229 1.35 27.34 -7.77
C LYS A 229 0.93 26.87 -6.38
N ILE A 230 0.12 25.81 -6.31
CA ILE A 230 -0.33 25.33 -5.01
C ILE A 230 0.84 24.80 -4.20
N SER A 231 1.78 24.10 -4.85
CA SER A 231 2.91 23.54 -4.09
C SER A 231 3.77 24.63 -3.45
N LYS A 232 4.01 25.71 -4.18
CA LYS A 232 4.80 26.82 -3.69
C LYS A 232 4.09 27.54 -2.55
N LYS A 233 2.80 27.83 -2.73
CA LYS A 233 2.02 28.48 -1.69
C LYS A 233 1.96 27.62 -0.45
N MET A 234 1.73 26.29 -0.60
CA MET A 234 1.73 25.41 0.57
C MET A 234 3.08 25.40 1.26
N THR A 235 4.17 25.40 0.50
CA THR A 235 5.49 25.41 1.14
C THR A 235 5.66 26.64 2.02
N MET A 236 5.31 27.81 1.49
CA MET A 236 5.41 29.06 2.27
C MET A 236 4.52 29.00 3.50
N TYR A 237 3.32 28.45 3.36
CA TYR A 237 2.39 28.35 4.49
C TYR A 237 2.95 27.45 5.57
N LEU A 238 3.45 26.29 5.17
CA LEU A 238 3.98 25.35 6.15
C LEU A 238 5.24 25.86 6.81
N GLU A 239 6.07 26.63 6.09
CA GLU A 239 7.28 27.10 6.72
C GLU A 239 7.01 28.19 7.74
N ASP A 240 5.83 28.78 7.75
CA ASP A 240 5.47 29.76 8.77
C ASP A 240 4.73 29.14 9.96
N LEU A 241 4.44 27.84 9.93
CA LEU A 241 3.70 27.20 11.01
C LEU A 241 4.65 26.74 12.11
N ASP A 242 4.17 26.78 13.35
CA ASP A 242 4.97 26.20 14.42
C ASP A 242 4.63 24.71 14.61
N GLU A 243 5.57 23.98 15.23
CA GLU A 243 5.32 22.60 15.65
C GLU A 243 4.08 22.51 16.56
N PHE A 244 3.15 21.58 16.27
CA PHE A 244 2.10 21.13 17.23
C PHE A 244 0.95 22.13 17.50
N GLU A 245 0.55 22.82 16.51
CA GLU A 245 -0.63 23.67 16.56
C GLU A 245 -1.58 23.27 15.41
N ASP A 246 -2.89 23.50 15.59
CA ASP A 246 -3.80 23.35 14.48
C ASP A 246 -3.36 24.26 13.33
N CYS A 247 -3.56 23.78 12.12
CA CYS A 247 -3.20 24.47 10.90
C CYS A 247 -4.44 25.21 10.39
N PRO A 248 -4.41 26.53 10.28
CA PRO A 248 -5.64 27.23 9.89
C PRO A 248 -5.90 27.07 8.41
N PRO A 249 -7.17 27.06 8.02
CA PRO A 249 -7.52 27.01 6.58
C PRO A 249 -7.03 28.28 5.90
N PHE A 250 -6.75 28.19 4.61
CA PHE A 250 -6.55 29.44 3.89
C PHE A 250 -6.95 29.33 2.43
N THR A 251 -7.05 30.48 1.77
CA THR A 251 -7.56 30.56 0.40
C THR A 251 -6.39 30.80 -0.54
N VAL A 252 -6.36 30.04 -1.63
CA VAL A 252 -5.59 30.37 -2.82
C VAL A 252 -6.64 30.41 -3.92
N ASP A 253 -7.13 31.60 -4.23
CA ASP A 253 -8.32 31.79 -5.06
C ASP A 253 -8.20 30.91 -6.32
N PRO A 254 -9.22 30.07 -6.64
CA PRO A 254 -10.57 30.01 -6.02
C PRO A 254 -10.68 28.91 -4.95
N TYR A 255 -9.56 28.42 -4.40
CA TYR A 255 -9.58 27.24 -3.55
C TYR A 255 -9.48 27.61 -2.08
N LYS A 256 -10.11 26.81 -1.24
CA LYS A 256 -9.85 26.88 0.19
C LYS A 256 -9.14 25.58 0.59
N ILE A 257 -8.06 25.69 1.36
CA ILE A 257 -7.21 24.53 1.63
C ILE A 257 -7.25 24.25 3.12
N PHE A 258 -7.50 22.98 3.46
CA PHE A 258 -7.58 22.52 4.84
C PHE A 258 -6.43 21.57 5.10
N THR A 259 -5.80 21.72 6.27
CA THR A 259 -4.57 20.99 6.59
C THR A 259 -4.67 20.36 7.96
N LYS A 260 -4.31 19.07 8.04
CA LYS A 260 -4.15 18.39 9.32
C LYS A 260 -2.67 18.07 9.53
N ASN A 261 -2.19 18.16 10.78
CA ASN A 261 -0.78 17.83 11.02
C ASN A 261 -0.70 16.57 11.87
N PHE A 262 0.37 15.78 11.69
CA PHE A 262 0.59 14.61 12.54
C PHE A 262 2.09 14.40 12.64
N VAL A 263 2.50 13.60 13.62
CA VAL A 263 3.93 13.52 13.96
C VAL A 263 4.28 12.06 14.21
N ILE A 264 5.43 11.61 13.72
CA ILE A 264 5.95 10.30 14.16
C ILE A 264 7.31 10.58 14.75
N SER A 265 7.57 10.10 15.99
CA SER A 265 8.88 10.34 16.60
C SER A 265 9.76 9.14 16.32
N VAL A 266 11.05 9.41 16.09
CA VAL A 266 12.07 8.37 15.92
C VAL A 266 13.18 8.75 16.92
N GLY A 267 13.23 8.05 18.03
CA GLY A 267 14.13 8.44 19.12
C GLY A 267 13.74 9.83 19.56
N ASP A 268 14.74 10.70 19.67
CA ASP A 268 14.57 12.09 20.11
C ASP A 268 14.13 13.03 19.01
N ASN A 269 13.96 12.56 17.79
CA ASN A 269 13.66 13.41 16.63
C ASN A 269 12.21 13.25 16.20
N ASN A 270 11.58 14.34 15.76
CA ASN A 270 10.24 14.22 15.25
C ASN A 270 10.24 14.36 13.73
N PHE A 271 9.42 13.60 13.08
CA PHE A 271 9.04 13.81 11.68
C PHE A 271 7.66 14.46 11.68
N TYR A 272 7.60 15.72 11.18
CA TYR A 272 6.34 16.48 11.10
C TYR A 272 5.69 16.28 9.75
N PHE A 273 4.48 15.75 9.72
CA PHE A 273 3.72 15.53 8.50
C PHE A 273 2.57 16.51 8.40
N HIS A 274 2.13 16.76 7.14
CA HIS A 274 0.94 17.57 6.93
C HIS A 274 0.15 16.89 5.82
N PHE A 275 -1.16 16.92 5.97
CA PHE A 275 -2.11 16.38 4.99
C PHE A 275 -3.05 17.54 4.62
N SER A 276 -3.05 17.92 3.34
CA SER A 276 -3.80 19.14 2.93
C SER A 276 -4.73 18.78 1.79
N VAL A 277 -5.97 19.30 1.79
CA VAL A 277 -6.88 19.06 0.67
C VAL A 277 -7.52 20.40 0.32
N GLY A 278 -7.97 20.51 -0.92
CA GLY A 278 -8.55 21.74 -1.42
C GLY A 278 -9.98 21.54 -1.89
N ILE A 279 -10.86 22.52 -1.60
CA ILE A 279 -12.20 22.57 -2.21
C ILE A 279 -12.22 23.81 -3.10
N ASN A 280 -13.11 23.81 -4.10
CA ASN A 280 -13.36 25.03 -4.88
C ASN A 280 -14.45 25.82 -4.17
N ILE A 281 -14.11 27.04 -3.74
CA ILE A 281 -15.06 27.89 -2.99
C ILE A 281 -16.26 28.20 -3.84
N LEU A 282 -16.12 28.15 -5.18
CA LEU A 282 -17.30 28.45 -5.97
C LEU A 282 -18.29 27.29 -6.01
N ASN A 283 -17.97 26.18 -5.35
CA ASN A 283 -18.82 25.02 -5.27
C ASN A 283 -18.62 24.33 -3.92
N ILE A 284 -18.87 25.03 -2.82
CA ILE A 284 -18.54 24.44 -1.50
C ILE A 284 -19.42 23.22 -1.26
N PRO A 285 -18.89 22.11 -0.78
CA PRO A 285 -19.71 20.91 -0.52
C PRO A 285 -20.81 21.22 0.47
N ASP A 286 -21.93 20.48 0.34
CA ASP A 286 -23.08 20.68 1.21
C ASP A 286 -22.80 20.19 2.63
N ASP A 287 -21.93 19.22 2.77
CA ASP A 287 -21.62 18.65 4.07
C ASP A 287 -20.13 18.84 4.35
N MET A 288 -19.74 20.02 4.86
CA MET A 288 -18.32 20.14 5.23
C MET A 288 -17.94 19.29 6.43
N ASP A 289 -18.89 19.04 7.34
CA ASP A 289 -18.58 18.15 8.48
C ASP A 289 -18.16 16.78 7.99
N GLU A 290 -18.78 16.29 6.93
CA GLU A 290 -18.36 14.97 6.43
C GLU A 290 -16.91 14.96 5.97
N ILE A 291 -16.46 16.07 5.36
CA ILE A 291 -15.09 16.17 4.90
C ILE A 291 -14.13 16.25 6.08
N PHE A 292 -14.46 17.04 7.08
CA PHE A 292 -13.56 17.14 8.22
C PHE A 292 -13.48 15.81 8.97
N ASP A 293 -14.62 15.14 9.14
CA ASP A 293 -14.59 13.85 9.83
C ASP A 293 -13.80 12.84 9.03
N ALA A 294 -13.94 12.88 7.71
CA ALA A 294 -13.14 11.97 6.87
C ALA A 294 -11.66 12.27 6.96
N MET A 295 -11.27 13.55 6.91
CA MET A 295 -9.88 13.91 7.05
C MET A 295 -9.32 13.48 8.38
N ASP A 296 -10.10 13.64 9.45
CA ASP A 296 -9.58 13.30 10.78
C ASP A 296 -9.28 11.81 10.87
N GLU A 297 -10.23 10.99 10.42
CA GLU A 297 -10.06 9.54 10.47
C GLU A 297 -8.93 9.10 9.56
N TYR A 298 -8.86 9.70 8.37
CA TYR A 298 -7.79 9.31 7.45
C TYR A 298 -6.43 9.66 8.00
N THR A 299 -6.31 10.83 8.62
CA THR A 299 -5.03 11.25 9.16
C THR A 299 -4.55 10.29 10.24
N TYR A 300 -5.44 9.88 11.14
CA TYR A 300 -5.06 8.90 12.18
C TYR A 300 -4.48 7.62 11.56
N ASN A 301 -5.15 7.13 10.52
CA ASN A 301 -4.68 5.90 9.87
C ASN A 301 -3.47 6.11 9.00
N LEU A 302 -3.31 7.29 8.39
CA LEU A 302 -2.07 7.60 7.65
C LEU A 302 -0.88 7.58 8.59
N ARG A 303 -1.05 8.21 9.76
CA ARG A 303 0.06 8.20 10.71
C ARG A 303 0.42 6.77 11.02
N LYS A 304 -0.60 5.94 11.28
CA LYS A 304 -0.28 4.54 11.67
C LYS A 304 0.43 3.81 10.53
N ILE A 305 -0.09 3.92 9.31
CA ILE A 305 0.56 3.12 8.26
C ILE A 305 1.93 3.64 7.91
N LEU A 306 2.17 4.93 8.08
CA LEU A 306 3.48 5.47 7.73
C LEU A 306 4.57 5.05 8.75
N GLU A 307 4.20 4.49 9.89
CA GLU A 307 5.20 3.85 10.76
C GLU A 307 5.97 2.79 10.00
N ASN A 308 5.39 2.28 8.91
CA ASN A 308 6.06 1.24 8.10
C ASN A 308 6.92 1.77 6.95
N SER A 309 6.98 3.09 6.75
CA SER A 309 7.71 3.63 5.65
C SER A 309 9.21 3.51 5.92
N GLU A 310 9.96 3.44 4.83
CA GLU A 310 11.41 3.38 4.96
C GLU A 310 11.93 4.64 5.65
N LEU A 311 11.30 5.77 5.33
CA LEU A 311 11.56 7.04 6.00
C LEU A 311 11.60 6.87 7.52
N ILE A 312 10.55 6.28 8.08
CA ILE A 312 10.45 6.19 9.54
C ILE A 312 11.30 5.05 10.04
N ARG A 313 11.33 3.93 9.32
CA ARG A 313 12.13 2.80 9.80
C ARG A 313 13.61 3.12 9.84
N THR A 314 14.11 3.96 8.91
CA THR A 314 15.53 4.31 8.94
C THR A 314 15.79 5.61 9.68
N GLY A 315 14.76 6.40 9.95
CA GLY A 315 14.91 7.74 10.50
C GLY A 315 15.61 8.72 9.58
N GLU A 316 15.56 8.51 8.27
CA GLU A 316 16.31 9.31 7.30
C GLU A 316 15.35 9.72 6.19
N LEU A 317 15.18 11.02 5.97
CA LEU A 317 14.45 11.51 4.82
C LEU A 317 15.40 11.62 3.64
N ARG A 318 15.18 10.79 2.63
CA ARG A 318 16.05 10.81 1.45
C ARG A 318 15.27 11.40 0.26
N ASN A 319 15.27 12.74 0.19
CA ASN A 319 14.44 13.43 -0.80
C ASN A 319 14.72 12.92 -2.21
N GLU A 320 16.01 12.82 -2.59
CA GLU A 320 16.29 12.48 -3.99
C GLU A 320 15.84 11.08 -4.32
N GLU A 321 15.94 10.15 -3.38
CA GLU A 321 15.43 8.80 -3.58
C GLU A 321 13.92 8.79 -3.77
N ILE A 322 13.20 9.56 -2.95
CA ILE A 322 11.73 9.60 -3.08
C ILE A 322 11.34 10.19 -4.43
N LEU A 323 12.02 11.26 -4.86
CA LEU A 323 11.71 11.87 -6.15
C LEU A 323 12.13 10.99 -7.32
N SER A 324 13.18 10.20 -7.15
CA SER A 324 13.59 9.32 -8.24
C SER A 324 12.61 8.15 -8.38
N GLY A 325 11.94 7.77 -7.29
CA GLY A 325 10.95 6.69 -7.34
C GLY A 325 9.80 6.99 -8.30
N ILE A 326 9.46 8.26 -8.49
CA ILE A 326 8.38 8.63 -9.41
C ILE A 326 8.60 8.12 -10.83
#